data_4JVM
#
_entry.id   4JVM
#
_cell.length_a   62.566
_cell.length_b   97.437
_cell.length_c   61.779
_cell.angle_alpha   90.00
_cell.angle_beta   91.98
_cell.angle_gamma   90.00
#
_symmetry.space_group_name_H-M   'P 1 21 1'
#
loop_
_entity.id
_entity.type
_entity.pdbx_description
1 polymer 'Estrogen sulfotransferase'
2 non-polymer "4,4'-propane-2,2-diylbis(2,6-dibromophenol)"
3 non-polymer "ADENOSINE-3'-5'-DIPHOSPHATE"
4 non-polymer 'SODIUM ION'
5 non-polymer 1,2-ETHANEDIOL
6 water water
#
_entity_poly.entity_id   1
_entity_poly.type   'polypeptide(L)'
_entity_poly.pdbx_seq_one_letter_code
;MNSELDYYEKFEEVHGILMYKDFVKYWDNVEAFQARPDDLVIATYPKSGTTWVSEIVYMIYKEGDVEKCKEDVIFNRIPF
LECRKENLMNGVKQLDEMNSPRIVKTHLPPELLPASFWEKDCKIIYLCRNAKDVAVSFYYFFLMVAGHPNPGSFPEFVEK
FMQGQVPYGSWYKHVKSWWEKGKSPRVLFLFYEDLKEDIRKEVIKLIHFLERKPSEELVDRIIHHTSFQEMKNNPSTNYT
TLPDEIMNQKLSPFMRKGITGDWKNHFTEALNEKFDKHYEQQMKESTLKFRTEI
;
_entity_poly.pdbx_strand_id   A,B
#
# COMPACT_ATOMS: atom_id res chain seq x y z
N ASN A 2 12.22 -15.14 14.09
CA ASN A 2 13.29 -14.84 13.15
C ASN A 2 13.42 -13.35 12.90
N SER A 3 12.28 -12.67 12.72
CA SER A 3 12.30 -11.22 12.63
C SER A 3 12.63 -10.65 14.01
N GLU A 4 11.99 -11.19 15.04
CA GLU A 4 12.27 -10.80 16.41
C GLU A 4 13.71 -11.16 16.79
N LEU A 5 14.17 -12.29 16.26
CA LEU A 5 15.54 -12.71 16.47
C LEU A 5 16.50 -11.74 15.80
N ASP A 6 16.11 -11.30 14.62
CA ASP A 6 16.89 -10.34 13.85
C ASP A 6 17.09 -9.05 14.67
N TYR A 7 15.99 -8.54 15.21
CA TYR A 7 16.02 -7.31 16.01
C TYR A 7 16.92 -7.50 17.24
N TYR A 8 16.81 -8.66 17.87
CA TYR A 8 17.64 -8.98 19.04
C TYR A 8 19.14 -8.93 18.75
N GLU A 9 19.54 -9.43 17.58
CA GLU A 9 20.93 -9.41 17.18
C GLU A 9 21.43 -8.02 16.82
N LYS A 10 20.56 -7.18 16.29
CA LYS A 10 20.98 -5.86 15.77
C LYS A 10 20.93 -4.73 16.80
N PHE A 11 19.97 -4.78 17.70
CA PHE A 11 19.70 -3.66 18.60
C PHE A 11 19.75 -4.06 20.08
N GLU A 12 20.14 -3.12 20.92
CA GLU A 12 20.20 -3.29 22.36
C GLU A 12 19.71 -2.02 23.00
N GLU A 13 19.10 -2.11 24.18
CA GLU A 13 18.66 -0.92 24.87
C GLU A 13 19.78 -0.23 25.64
N VAL A 14 19.72 1.09 25.68
CA VAL A 14 20.57 1.88 26.55
C VAL A 14 19.68 2.96 27.15
N HIS A 15 19.73 3.09 28.48
CA HIS A 15 18.83 3.96 29.23
C HIS A 15 17.36 3.79 28.81
N GLY A 16 16.96 2.56 28.50
CA GLY A 16 15.59 2.28 28.12
C GLY A 16 15.27 2.56 26.66
N ILE A 17 16.27 3.01 25.92
CA ILE A 17 16.09 3.37 24.51
C ILE A 17 16.79 2.36 23.59
N LEU A 18 16.03 1.79 22.65
CA LEU A 18 16.61 0.86 21.69
C LEU A 18 17.67 1.55 20.83
N MET A 19 18.77 0.86 20.57
CA MET A 19 19.92 1.48 19.95
C MET A 19 20.70 0.47 19.10
N TYR A 20 21.41 0.96 18.09
CA TYR A 20 22.35 0.13 17.33
C TYR A 20 23.37 -0.46 18.29
N LYS A 21 23.54 -1.79 18.22
CA LYS A 21 24.35 -2.49 19.20
C LYS A 21 25.79 -2.00 19.22
N ASP A 22 26.32 -1.69 18.04
CA ASP A 22 27.68 -1.16 17.92
C ASP A 22 27.91 0.11 18.74
N PHE A 23 26.85 0.91 18.91
CA PHE A 23 26.99 2.19 19.62
C PHE A 23 27.06 1.91 21.12
N VAL A 24 26.24 0.97 21.57
CA VAL A 24 26.06 0.69 22.99
C VAL A 24 27.33 0.14 23.66
N LYS A 25 28.07 -0.66 22.91
CA LYS A 25 29.29 -1.28 23.42
C LYS A 25 30.24 -0.27 24.06
N TYR A 26 30.28 0.94 23.50
CA TYR A 26 31.15 1.99 24.00
C TYR A 26 30.41 3.21 24.53
N TRP A 27 29.23 3.01 25.10
CA TRP A 27 28.38 4.13 25.50
C TRP A 27 28.98 5.01 26.58
N ASP A 28 29.88 4.46 27.39
CA ASP A 28 30.58 5.24 28.40
C ASP A 28 31.30 6.44 27.77
N ASN A 29 31.85 6.25 26.57
CA ASN A 29 32.49 7.33 25.81
C ASN A 29 31.52 8.48 25.51
N VAL A 30 30.29 8.13 25.15
CA VAL A 30 29.25 9.12 24.91
C VAL A 30 28.82 9.79 26.21
N GLU A 31 28.59 8.96 27.24
CA GLU A 31 28.15 9.44 28.54
C GLU A 31 29.10 10.50 29.09
N ALA A 32 30.40 10.24 29.00
CA ALA A 32 31.38 11.14 29.59
C ALA A 32 31.93 12.17 28.61
N PHE A 33 31.26 12.34 27.47
CA PHE A 33 31.73 13.29 26.47
C PHE A 33 31.83 14.71 27.00
N GLN A 34 32.93 15.38 26.67
CA GLN A 34 33.19 16.74 27.15
C GLN A 34 32.84 17.80 26.09
N ALA A 35 31.77 18.54 26.35
CA ALA A 35 31.36 19.61 25.47
C ALA A 35 32.24 20.82 25.69
N ARG A 36 32.17 21.77 24.76
CA ARG A 36 32.77 23.09 24.91
C ARG A 36 31.60 24.06 24.79
N PRO A 37 31.69 25.23 25.46
CA PRO A 37 30.57 26.17 25.50
C PRO A 37 30.08 26.59 24.13
N ASP A 38 30.97 26.63 23.15
CA ASP A 38 30.58 27.09 21.83
C ASP A 38 30.16 25.97 20.88
N ASP A 39 30.07 24.74 21.38
CA ASP A 39 29.55 23.63 20.60
C ASP A 39 28.11 23.93 20.18
N LEU A 40 27.75 23.51 18.98
CA LEU A 40 26.37 23.58 18.53
C LEU A 40 25.87 22.16 18.29
N VAL A 41 24.75 21.81 18.91
CA VAL A 41 24.16 20.49 18.72
C VAL A 41 23.02 20.56 17.72
N ILE A 42 23.05 19.66 16.75
CA ILE A 42 21.93 19.45 15.86
C ILE A 42 21.33 18.10 16.20
N ALA A 43 20.12 18.11 16.74
CA ALA A 43 19.48 16.91 17.25
C ALA A 43 18.22 16.64 16.45
N THR A 44 18.02 15.38 16.08
CA THR A 44 16.85 14.99 15.31
C THR A 44 16.49 13.55 15.60
N TYR A 45 15.22 13.21 15.41
CA TYR A 45 14.89 11.80 15.27
C TYR A 45 15.40 11.40 13.89
N PRO A 46 15.90 10.17 13.74
CA PRO A 46 16.43 9.74 12.43
C PRO A 46 15.48 10.03 11.27
N LYS A 47 16.06 10.44 10.14
CA LYS A 47 15.36 10.65 8.88
C LYS A 47 14.40 11.84 8.90
N SER A 48 14.72 12.85 9.70
CA SER A 48 13.83 14.00 9.83
C SER A 48 14.39 15.21 9.08
N GLY A 49 15.47 15.01 8.34
CA GLY A 49 16.13 16.10 7.62
C GLY A 49 17.44 16.58 8.24
N THR A 50 18.08 15.70 9.01
CA THR A 50 19.34 16.03 9.69
C THR A 50 20.40 16.58 8.74
N THR A 51 20.52 15.94 7.59
CA THR A 51 21.55 16.27 6.65
C THR A 51 21.27 17.64 6.07
N TRP A 52 19.99 17.93 5.87
CA TRP A 52 19.54 19.18 5.32
C TRP A 52 19.92 20.36 6.22
N VAL A 53 19.48 20.31 7.48
CA VAL A 53 19.75 21.42 8.37
C VAL A 53 21.24 21.53 8.73
N SER A 54 21.95 20.40 8.75
CA SER A 54 23.38 20.39 8.99
C SER A 54 24.14 21.21 7.95
N GLU A 55 23.80 21.02 6.69
CA GLU A 55 24.47 21.74 5.62
C GLU A 55 24.14 23.23 5.65
N ILE A 56 22.89 23.55 5.96
CA ILE A 56 22.50 24.95 6.14
C ILE A 56 23.32 25.61 7.26
N VAL A 57 23.45 24.89 8.35
CA VAL A 57 24.23 25.39 9.48
C VAL A 57 25.70 25.55 9.12
N TYR A 58 26.24 24.57 8.40
CA TYR A 58 27.64 24.62 8.03
C TYR A 58 27.92 25.82 7.13
N MET A 59 26.99 26.12 6.23
CA MET A 59 27.12 27.27 5.34
C MET A 59 27.08 28.58 6.14
N ILE A 60 26.20 28.64 7.12
CA ILE A 60 26.12 29.82 8.00
C ILE A 60 27.45 30.06 8.73
N TYR A 61 28.07 28.98 9.21
CA TYR A 61 29.38 29.07 9.85
C TYR A 61 30.46 29.55 8.91
N LYS A 62 30.43 29.04 7.71
CA LYS A 62 31.43 29.42 6.71
C LYS A 62 31.06 30.71 5.92
N GLU A 63 30.07 31.46 6.39
CA GLU A 63 29.60 32.65 5.68
C GLU A 63 29.35 32.36 4.19
N GLY A 64 28.79 31.18 3.89
CA GLY A 64 28.24 30.87 2.57
C GLY A 64 29.33 30.51 1.56
N ASP A 65 30.48 30.10 2.08
CA ASP A 65 31.62 29.68 1.25
C ASP A 65 31.49 28.21 0.88
N VAL A 66 30.93 27.98 -0.30
CA VAL A 66 30.61 26.63 -0.78
C VAL A 66 31.84 25.71 -0.87
N GLU A 67 32.96 26.26 -1.34
CA GLU A 67 34.21 25.50 -1.40
C GLU A 67 34.61 24.98 -0.03
N LYS A 68 34.48 25.82 0.99
CA LYS A 68 34.78 25.40 2.36
C LYS A 68 33.87 24.25 2.81
N CYS A 69 32.63 24.25 2.31
CA CYS A 69 31.68 23.20 2.66
C CYS A 69 31.99 21.88 1.94
N LYS A 70 32.69 21.96 0.82
CA LYS A 70 32.97 20.77 0.02
C LYS A 70 34.36 20.19 0.27
N GLU A 71 35.09 20.76 1.23
CA GLU A 71 36.47 20.35 1.51
C GLU A 71 36.56 18.94 2.09
N ASP A 72 35.45 18.45 2.65
CA ASP A 72 35.40 17.11 3.21
C ASP A 72 33.94 16.67 3.30
N VAL A 73 33.70 15.37 3.38
CA VAL A 73 32.33 14.86 3.44
C VAL A 73 31.64 15.30 4.72
N ILE A 74 30.31 15.40 4.68
CA ILE A 74 29.56 15.98 5.78
C ILE A 74 29.70 15.20 7.10
N PHE A 75 29.85 13.89 7.02
CA PHE A 75 29.96 13.10 8.24
C PHE A 75 31.35 13.23 8.87
N ASN A 76 32.26 13.87 8.15
CA ASN A 76 33.53 14.27 8.75
C ASN A 76 33.52 15.74 9.19
N ARG A 77 32.80 16.59 8.46
CA ARG A 77 32.66 17.99 8.84
C ARG A 77 31.82 18.14 10.11
N ILE A 78 30.81 17.29 10.24
CA ILE A 78 29.88 17.35 11.36
C ILE A 78 29.73 15.96 11.96
N PRO A 79 30.59 15.64 12.94
CA PRO A 79 30.64 14.27 13.47
C PRO A 79 29.33 13.84 14.15
N PHE A 80 29.01 12.57 13.97
CA PHE A 80 27.84 11.92 14.52
C PHE A 80 28.21 11.45 15.94
N LEU A 81 27.77 12.21 16.94
CA LEU A 81 28.23 12.06 18.33
C LEU A 81 28.34 10.63 18.87
N GLU A 82 27.22 9.91 18.86
CA GLU A 82 27.15 8.62 19.53
C GLU A 82 27.58 7.47 18.62
N CYS A 83 27.90 7.77 17.37
CA CYS A 83 28.15 6.73 16.38
C CYS A 83 29.52 6.09 16.60
N ARG A 84 29.55 4.76 16.56
CA ARG A 84 30.79 4.03 16.79
C ARG A 84 30.77 2.68 16.10
N LYS A 85 31.83 2.38 15.36
CA LYS A 85 32.00 1.06 14.74
C LYS A 85 33.36 0.50 15.13
N GLU A 86 33.46 -0.01 16.36
CA GLU A 86 34.75 -0.39 16.93
C GLU A 86 35.79 0.71 16.69
N ASN A 87 36.72 0.46 15.77
CA ASN A 87 37.75 1.46 15.44
C ASN A 87 37.61 2.05 14.04
N LEU A 88 36.60 1.62 13.30
CA LEU A 88 36.39 2.07 11.92
C LEU A 88 35.77 3.47 11.83
N MET A 89 34.82 3.74 12.74
CA MET A 89 34.25 5.07 12.88
C MET A 89 34.08 5.38 14.36
N ASN A 90 34.35 6.63 14.75
CA ASN A 90 34.27 7.02 16.15
C ASN A 90 33.92 8.50 16.28
N GLY A 91 32.64 8.80 16.53
CA GLY A 91 32.18 10.17 16.61
C GLY A 91 32.83 10.97 17.72
N VAL A 92 32.96 10.36 18.89
CA VAL A 92 33.56 11.03 20.04
C VAL A 92 35.02 11.41 19.74
N LYS A 93 35.77 10.47 19.18
CA LYS A 93 37.16 10.74 18.77
C LYS A 93 37.22 11.88 17.76
N GLN A 94 36.33 11.85 16.78
CA GLN A 94 36.28 12.90 15.77
C GLN A 94 36.06 14.27 16.38
N LEU A 95 35.19 14.34 17.37
CA LEU A 95 34.89 15.59 18.05
C LEU A 95 36.05 16.05 18.94
N ASP A 96 36.60 15.11 19.71
CA ASP A 96 37.73 15.41 20.59
C ASP A 96 38.88 16.12 19.87
N GLU A 97 39.15 15.69 18.63
CA GLU A 97 40.31 16.18 17.88
C GLU A 97 39.94 17.39 17.06
N MET A 98 38.65 17.68 17.00
N MET A 98 38.65 17.67 17.00
CA MET A 98 38.16 18.74 16.15
CA MET A 98 38.12 18.75 16.17
C MET A 98 38.41 20.11 16.75
C MET A 98 38.45 20.11 16.77
N ASN A 99 38.95 21.02 15.93
CA ASN A 99 39.09 22.42 16.34
C ASN A 99 37.70 22.99 16.50
N SER A 100 37.53 23.86 17.48
CA SER A 100 36.25 24.55 17.61
C SER A 100 36.18 25.66 16.57
N PRO A 101 34.97 26.16 16.29
CA PRO A 101 33.68 25.77 16.86
C PRO A 101 33.14 24.48 16.28
N ARG A 102 32.73 23.56 17.15
CA ARG A 102 32.26 22.25 16.72
C ARG A 102 30.76 22.24 16.47
N ILE A 103 30.36 21.54 15.42
CA ILE A 103 28.95 21.25 15.18
C ILE A 103 28.75 19.75 15.35
N VAL A 104 27.83 19.38 16.23
CA VAL A 104 27.65 18.00 16.65
C VAL A 104 26.29 17.47 16.18
N LYS A 105 26.32 16.35 15.46
CA LYS A 105 25.08 15.68 15.07
C LYS A 105 24.71 14.59 16.09
N THR A 106 23.44 14.51 16.46
CA THR A 106 22.99 13.44 17.34
C THR A 106 21.54 13.09 17.08
N HIS A 107 21.15 11.87 17.39
CA HIS A 107 19.74 11.51 17.32
C HIS A 107 19.16 11.26 18.71
N LEU A 108 19.90 11.63 19.76
CA LEU A 108 19.50 11.28 21.11
C LEU A 108 18.29 12.05 21.63
N PRO A 109 17.40 11.35 22.36
CA PRO A 109 16.38 12.07 23.13
C PRO A 109 17.07 12.92 24.20
N PRO A 110 16.42 13.99 24.66
CA PRO A 110 17.09 14.95 25.55
C PRO A 110 17.64 14.31 26.82
N GLU A 111 16.97 13.26 27.30
CA GLU A 111 17.38 12.60 28.54
C GLU A 111 18.70 11.86 28.37
N LEU A 112 19.06 11.57 27.12
CA LEU A 112 20.28 10.80 26.84
C LEU A 112 21.43 11.68 26.34
N LEU A 113 21.13 12.94 26.03
CA LEU A 113 22.20 13.85 25.59
C LEU A 113 23.22 13.94 26.73
N PRO A 114 24.52 13.87 26.39
CA PRO A 114 25.55 13.93 27.42
C PRO A 114 25.42 15.17 28.30
N ALA A 115 25.56 15.00 29.60
CA ALA A 115 25.30 16.05 30.59
C ALA A 115 26.10 17.32 30.35
N SER A 116 27.32 17.16 29.83
CA SER A 116 28.19 18.29 29.57
C SER A 116 27.56 19.33 28.64
N PHE A 117 26.79 18.90 27.66
CA PHE A 117 26.10 19.83 26.76
C PHE A 117 25.13 20.74 27.53
N TRP A 118 24.38 20.15 28.45
CA TRP A 118 23.47 20.93 29.30
C TRP A 118 24.26 21.80 30.28
N GLU A 119 25.28 21.23 30.90
CA GLU A 119 26.07 21.98 31.88
C GLU A 119 26.68 23.23 31.28
N LYS A 120 27.15 23.12 30.05
CA LYS A 120 27.80 24.27 29.42
C LYS A 120 26.80 25.15 28.66
N ASP A 121 25.54 24.73 28.69
CA ASP A 121 24.44 25.49 28.09
C ASP A 121 24.60 25.69 26.58
N CYS A 122 25.11 24.66 25.89
CA CYS A 122 25.30 24.74 24.45
C CYS A 122 23.99 24.99 23.72
N LYS A 123 24.04 25.79 22.65
CA LYS A 123 22.88 25.95 21.79
C LYS A 123 22.58 24.62 21.12
N ILE A 124 21.30 24.35 20.94
CA ILE A 124 20.83 23.13 20.30
C ILE A 124 19.80 23.55 19.27
N ILE A 125 19.90 22.97 18.08
CA ILE A 125 18.86 23.10 17.08
C ILE A 125 18.21 21.74 16.96
N TYR A 126 16.89 21.67 17.16
CA TYR A 126 16.16 20.42 17.00
C TYR A 126 15.25 20.50 15.80
N LEU A 127 15.32 19.49 14.94
CA LEU A 127 14.47 19.42 13.77
C LEU A 127 13.57 18.19 13.83
N CYS A 128 12.28 18.38 13.63
CA CYS A 128 11.41 17.23 13.54
C CYS A 128 10.62 17.23 12.24
N ARG A 129 9.95 16.12 11.97
CA ARG A 129 9.27 15.90 10.71
C ARG A 129 8.06 15.03 11.06
N ASN A 130 6.96 15.17 10.31
CA ASN A 130 5.76 14.39 10.63
C ASN A 130 6.07 12.89 10.62
N ALA A 131 5.43 12.17 11.54
CA ALA A 131 5.80 10.81 11.86
C ALA A 131 5.63 9.84 10.70
N LYS A 132 4.59 10.06 9.90
CA LYS A 132 4.33 9.19 8.77
C LYS A 132 5.46 9.25 7.75
N ASP A 133 5.88 10.46 7.37
CA ASP A 133 6.98 10.64 6.44
C ASP A 133 8.29 10.10 7.01
N VAL A 134 8.49 10.29 8.31
CA VAL A 134 9.67 9.74 8.97
C VAL A 134 9.66 8.23 8.83
N ALA A 135 8.51 7.62 9.07
CA ALA A 135 8.37 6.17 8.99
C ALA A 135 8.73 5.64 7.62
N VAL A 136 8.23 6.29 6.56
CA VAL A 136 8.56 5.91 5.20
C VAL A 136 10.07 5.97 4.97
N SER A 137 10.67 7.10 5.33
CA SER A 137 12.09 7.33 5.11
C SER A 137 12.94 6.31 5.88
N PHE A 138 12.56 6.06 7.13
CA PHE A 138 13.29 5.13 8.02
C PHE A 138 13.18 3.71 7.45
N TYR A 139 12.03 3.39 6.87
CA TYR A 139 11.82 2.07 6.26
C TYR A 139 12.85 1.80 5.16
N TYR A 140 12.99 2.74 4.23
CA TYR A 140 13.96 2.59 3.16
C TYR A 140 15.39 2.58 3.68
N PHE A 141 15.62 3.32 4.77
CA PHE A 141 16.91 3.36 5.43
C PHE A 141 17.28 1.97 5.97
N PHE A 142 16.33 1.29 6.59
CA PHE A 142 16.55 -0.09 7.05
C PHE A 142 16.96 -0.98 5.88
N LEU A 143 16.33 -0.77 4.74
CA LEU A 143 16.58 -1.60 3.57
C LEU A 143 17.95 -1.36 2.96
N MET A 144 18.35 -0.09 2.90
CA MET A 144 19.57 0.31 2.21
C MET A 144 20.83 0.09 3.04
N VAL A 145 20.72 0.22 4.36
CA VAL A 145 21.89 0.29 5.24
C VAL A 145 22.15 -0.95 6.09
N ALA A 146 23.40 -1.41 6.07
CA ALA A 146 23.82 -2.54 6.89
C ALA A 146 23.71 -2.24 8.38
N GLY A 147 23.45 -3.27 9.18
CA GLY A 147 23.29 -3.08 10.61
C GLY A 147 21.82 -3.03 11.01
N HIS A 148 20.93 -3.18 10.03
CA HIS A 148 19.50 -3.25 10.29
C HIS A 148 18.98 -4.65 10.02
N PRO A 149 17.97 -5.07 10.78
CA PRO A 149 17.24 -6.30 10.45
C PRO A 149 16.38 -6.06 9.23
N ASN A 150 15.95 -7.14 8.59
CA ASN A 150 14.95 -7.05 7.54
C ASN A 150 13.67 -6.46 8.13
N PRO A 151 13.25 -5.29 7.61
CA PRO A 151 12.10 -4.58 8.20
C PRO A 151 10.77 -5.22 7.87
N GLY A 152 10.80 -6.27 7.05
CA GLY A 152 9.58 -6.93 6.60
C GLY A 152 8.78 -6.05 5.68
N SER A 153 7.46 -6.17 5.74
CA SER A 153 6.59 -5.34 4.93
C SER A 153 6.44 -3.98 5.58
N PHE A 154 6.01 -2.99 4.81
CA PHE A 154 5.81 -1.66 5.37
C PHE A 154 4.80 -1.62 6.54
N PRO A 155 3.67 -2.34 6.43
CA PRO A 155 2.79 -2.40 7.59
C PRO A 155 3.48 -3.02 8.82
N GLU A 156 4.31 -4.02 8.61
CA GLU A 156 5.02 -4.65 9.72
C GLU A 156 5.98 -3.65 10.36
N PHE A 157 6.68 -2.90 9.52
CA PHE A 157 7.62 -1.91 10.00
C PHE A 157 6.89 -0.82 10.79
N VAL A 158 5.77 -0.35 10.26
CA VAL A 158 5.01 0.70 10.92
C VAL A 158 4.53 0.26 12.31
N GLU A 159 4.16 -1.00 12.45
CA GLU A 159 3.81 -1.51 13.78
C GLU A 159 4.99 -1.38 14.76
N LYS A 160 6.20 -1.71 14.32
CA LYS A 160 7.39 -1.53 15.16
C LYS A 160 7.61 -0.05 15.47
N PHE A 161 7.38 0.80 14.47
CA PHE A 161 7.53 2.25 14.65
C PHE A 161 6.58 2.77 15.71
N MET A 162 5.31 2.37 15.62
CA MET A 162 4.32 2.84 16.58
C MET A 162 4.69 2.42 18.00
N GLN A 163 5.30 1.25 18.16
CA GLN A 163 5.69 0.78 19.49
C GLN A 163 7.07 1.30 19.92
N GLY A 164 7.72 2.05 19.03
CA GLY A 164 9.03 2.59 19.35
C GLY A 164 10.12 1.54 19.38
N GLN A 165 9.87 0.40 18.71
CA GLN A 165 10.85 -0.67 18.63
C GLN A 165 11.74 -0.50 17.40
N VAL A 166 12.43 0.62 17.34
CA VAL A 166 13.37 0.93 16.26
C VAL A 166 14.48 1.76 16.92
N PRO A 167 15.64 1.87 16.25
CA PRO A 167 16.74 2.65 16.83
C PRO A 167 16.29 4.06 17.24
N TYR A 168 16.63 4.44 18.46
CA TYR A 168 16.33 5.73 19.09
C TYR A 168 14.93 5.76 19.71
N GLY A 169 14.23 4.65 19.63
CA GLY A 169 12.99 4.48 20.39
C GLY A 169 11.82 5.24 19.80
N SER A 170 10.87 5.57 20.67
CA SER A 170 9.62 6.23 20.31
C SER A 170 9.81 7.62 19.70
N TRP A 171 9.33 7.79 18.47
CA TRP A 171 9.34 9.08 17.82
C TRP A 171 8.46 10.03 18.63
N TYR A 172 7.35 9.49 19.14
CA TYR A 172 6.37 10.24 19.93
C TYR A 172 7.03 10.87 21.15
N LYS A 173 7.78 10.07 21.89
CA LYS A 173 8.42 10.57 23.10
C LYS A 173 9.57 11.51 22.76
N HIS A 174 10.31 11.17 21.71
CA HIS A 174 11.41 11.98 21.22
C HIS A 174 10.97 13.42 20.98
N VAL A 175 9.97 13.59 20.11
CA VAL A 175 9.53 14.92 19.72
C VAL A 175 8.86 15.65 20.87
N LYS A 176 8.12 14.93 21.70
CA LYS A 176 7.45 15.55 22.83
C LYS A 176 8.45 16.06 23.86
N SER A 177 9.49 15.27 24.11
CA SER A 177 10.50 15.67 25.07
C SER A 177 11.29 16.87 24.57
N TRP A 178 11.69 16.84 23.30
CA TRP A 178 12.44 17.96 22.74
C TRP A 178 11.59 19.23 22.65
N TRP A 179 10.28 19.06 22.48
CA TRP A 179 9.37 20.19 22.43
C TRP A 179 9.37 20.95 23.75
N GLU A 180 9.40 20.22 24.85
CA GLU A 180 9.53 20.85 26.17
C GLU A 180 10.85 21.62 26.30
N LYS A 181 11.95 21.01 25.87
CA LYS A 181 13.25 21.68 25.90
C LYS A 181 13.26 22.89 24.99
N GLY A 182 12.48 22.81 23.91
CA GLY A 182 12.45 23.86 22.91
C GLY A 182 11.87 25.17 23.42
N LYS A 183 11.38 25.17 24.64
CA LYS A 183 10.88 26.37 25.27
C LYS A 183 12.05 27.21 25.78
N SER A 184 13.15 26.55 26.11
CA SER A 184 14.40 27.22 26.47
C SER A 184 14.88 28.09 25.31
N PRO A 185 15.46 29.26 25.63
CA PRO A 185 15.97 30.13 24.57
C PRO A 185 17.20 29.54 23.86
N ARG A 186 17.86 28.58 24.51
CA ARG A 186 19.05 27.95 23.96
C ARG A 186 18.72 26.84 22.95
N VAL A 187 17.45 26.48 22.85
CA VAL A 187 17.03 25.39 21.98
C VAL A 187 16.08 25.89 20.89
N LEU A 188 16.49 25.80 19.64
CA LEU A 188 15.64 26.22 18.53
C LEU A 188 14.93 25.01 17.91
N PHE A 189 13.60 25.03 17.95
CA PHE A 189 12.77 23.91 17.54
C PHE A 189 12.20 24.16 16.14
N LEU A 190 12.61 23.34 15.18
CA LEU A 190 12.22 23.51 13.78
C LEU A 190 11.44 22.32 13.22
N PHE A 191 10.69 22.56 12.14
CA PHE A 191 9.92 21.53 11.43
C PHE A 191 10.39 21.39 10.00
N TYR A 192 10.59 20.15 9.58
CA TYR A 192 10.97 19.82 8.22
C TYR A 192 9.99 20.47 7.25
N GLU A 193 8.70 20.39 7.58
CA GLU A 193 7.64 20.91 6.71
C GLU A 193 7.71 22.43 6.54
N ASP A 194 8.22 23.13 7.54
CA ASP A 194 8.47 24.56 7.43
C ASP A 194 9.65 24.88 6.55
N LEU A 195 10.73 24.08 6.65
CA LEU A 195 11.83 24.25 5.71
C LEU A 195 11.35 24.01 4.26
N LYS A 196 10.43 23.05 4.03
CA LYS A 196 9.87 22.89 2.64
C LYS A 196 9.00 24.09 2.22
N GLU A 197 8.13 24.51 3.10
CA GLU A 197 7.15 25.56 2.80
C GLU A 197 7.78 26.92 2.53
N ASP A 198 8.72 27.32 3.37
CA ASP A 198 9.35 28.64 3.25
C ASP A 198 10.79 28.57 3.71
N ILE A 199 11.67 28.08 2.84
CA ILE A 199 13.06 27.92 3.20
C ILE A 199 13.73 29.23 3.63
N ARG A 200 13.40 30.33 2.95
CA ARG A 200 14.01 31.62 3.28
C ARG A 200 13.73 32.02 4.73
N LYS A 201 12.48 31.91 5.16
CA LYS A 201 12.09 32.25 6.53
C LYS A 201 12.87 31.46 7.59
N GLU A 202 13.08 30.18 7.32
CA GLU A 202 13.77 29.33 8.30
C GLU A 202 15.28 29.56 8.31
N VAL A 203 15.85 29.80 7.12
CA VAL A 203 17.27 30.12 7.02
C VAL A 203 17.59 31.41 7.79
N ILE A 204 16.78 32.45 7.58
CA ILE A 204 16.93 33.71 8.31
C ILE A 204 16.77 33.51 9.81
N LYS A 205 15.78 32.70 10.19
CA LYS A 205 15.59 32.34 11.58
C LYS A 205 16.84 31.67 12.14
N LEU A 206 17.46 30.82 11.32
CA LEU A 206 18.66 30.11 11.74
C LEU A 206 19.85 31.06 11.90
N ILE A 207 20.01 31.95 10.94
CA ILE A 207 21.08 32.95 11.00
C ILE A 207 21.01 33.80 12.28
N HIS A 208 19.82 34.28 12.62
CA HIS A 208 19.64 35.07 13.83
C HIS A 208 19.91 34.27 15.10
N PHE A 209 19.48 33.02 15.12
CA PHE A 209 19.72 32.14 16.26
C PHE A 209 21.20 31.92 16.49
N LEU A 210 21.96 31.90 15.41
CA LEU A 210 23.39 31.66 15.48
C LEU A 210 24.18 32.96 15.55
N GLU A 211 23.48 34.07 15.72
CA GLU A 211 24.10 35.39 15.90
C GLU A 211 25.03 35.84 14.76
N ARG A 212 24.66 35.50 13.53
CA ARG A 212 25.33 36.02 12.34
C ARG A 212 24.45 37.06 11.65
N LYS A 213 24.97 37.68 10.59
CA LYS A 213 24.23 38.69 9.84
C LYS A 213 23.62 38.12 8.57
N PRO A 214 22.32 38.36 8.36
CA PRO A 214 21.52 37.76 7.28
C PRO A 214 21.40 38.61 6.00
N SER A 215 22.45 38.62 5.18
CA SER A 215 22.41 39.37 3.93
C SER A 215 21.67 38.59 2.85
N GLU A 216 21.14 39.31 1.86
CA GLU A 216 20.45 38.67 0.74
C GLU A 216 21.34 37.67 0.02
N GLU A 217 22.59 38.07 -0.21
CA GLU A 217 23.55 37.24 -0.93
C GLU A 217 23.89 35.95 -0.18
N LEU A 218 24.05 36.05 1.14
CA LEU A 218 24.35 34.88 1.94
C LEU A 218 23.14 33.95 1.94
N VAL A 219 21.98 34.53 2.22
CA VAL A 219 20.74 33.78 2.24
C VAL A 219 20.48 33.08 0.90
N ASP A 220 20.70 33.80 -0.21
CA ASP A 220 20.52 33.20 -1.53
C ASP A 220 21.50 32.05 -1.79
N ARG A 221 22.75 32.20 -1.34
CA ARG A 221 23.74 31.14 -1.52
C ARG A 221 23.34 29.88 -0.77
N ILE A 222 22.85 30.05 0.46
CA ILE A 222 22.42 28.92 1.28
C ILE A 222 21.22 28.19 0.66
N ILE A 223 20.27 28.95 0.15
CA ILE A 223 19.05 28.39 -0.41
C ILE A 223 19.33 27.46 -1.58
N HIS A 224 20.18 27.87 -2.51
CA HIS A 224 20.39 27.03 -3.66
C HIS A 224 21.36 25.89 -3.39
N HIS A 225 22.39 26.17 -2.59
CA HIS A 225 23.34 25.13 -2.19
C HIS A 225 22.68 24.00 -1.38
N THR A 226 21.66 24.34 -0.59
CA THR A 226 21.01 23.32 0.25
C THR A 226 19.69 22.79 -0.31
N SER A 227 19.36 23.16 -1.54
CA SER A 227 18.17 22.62 -2.18
C SER A 227 18.39 21.13 -2.43
N PHE A 228 17.29 20.38 -2.50
CA PHE A 228 17.36 18.93 -2.63
C PHE A 228 18.16 18.49 -3.86
N GLN A 229 17.91 19.15 -4.98
CA GLN A 229 18.55 18.73 -6.22
C GLN A 229 20.06 18.93 -6.16
N GLU A 230 20.48 20.02 -5.53
CA GLU A 230 21.91 20.27 -5.37
C GLU A 230 22.56 19.28 -4.43
N MET A 231 21.93 19.05 -3.27
CA MET A 231 22.51 18.18 -2.27
C MET A 231 22.53 16.73 -2.72
N LYS A 232 21.53 16.34 -3.51
CA LYS A 232 21.47 14.99 -4.06
C LYS A 232 22.67 14.70 -4.96
N ASN A 233 23.14 15.73 -5.65
CA ASN A 233 24.24 15.57 -6.60
C ASN A 233 25.60 15.89 -6.02
N ASN A 234 25.61 16.40 -4.79
CA ASN A 234 26.84 16.79 -4.11
C ASN A 234 27.39 15.62 -3.30
N PRO A 235 28.53 15.05 -3.75
CA PRO A 235 29.15 13.91 -3.07
C PRO A 235 29.61 14.19 -1.63
N SER A 236 29.69 15.47 -1.26
CA SER A 236 30.00 15.83 0.12
C SER A 236 28.80 15.59 1.04
N THR A 237 27.60 15.64 0.46
CA THR A 237 26.38 15.60 1.27
C THR A 237 25.45 14.41 0.98
N ASN A 238 25.76 13.60 -0.02
CA ASN A 238 24.83 12.53 -0.40
C ASN A 238 25.28 11.11 -0.05
N TYR A 239 26.37 11.03 0.72
CA TYR A 239 26.82 9.76 1.29
C TYR A 239 27.28 8.72 0.25
N THR A 240 27.45 9.15 -1.00
CA THR A 240 27.86 8.22 -2.05
C THR A 240 29.33 7.80 -1.96
N THR A 241 30.12 8.51 -1.15
CA THR A 241 31.51 8.12 -0.92
C THR A 241 31.61 6.91 0.00
N LEU A 242 30.48 6.55 0.62
CA LEU A 242 30.39 5.32 1.39
C LEU A 242 30.14 4.15 0.43
N PRO A 243 30.85 3.03 0.64
CA PRO A 243 30.71 1.86 -0.23
C PRO A 243 29.35 1.18 -0.09
N ASP A 244 28.92 0.45 -1.13
CA ASP A 244 27.59 -0.18 -1.21
C ASP A 244 27.33 -1.19 -0.10
N GLU A 245 28.40 -1.80 0.40
N GLU A 245 28.41 -1.81 0.39
CA GLU A 245 28.28 -2.90 1.37
CA GLU A 245 28.31 -2.89 1.37
C GLU A 245 27.90 -2.37 2.75
C GLU A 245 27.88 -2.37 2.74
N ILE A 246 28.00 -1.06 2.93
CA ILE A 246 27.56 -0.44 4.15
C ILE A 246 26.33 0.42 3.87
N MET A 247 26.39 1.22 2.81
CA MET A 247 25.20 1.96 2.37
C MET A 247 24.95 1.71 0.88
N ASN A 248 23.95 0.87 0.59
CA ASN A 248 23.68 0.45 -0.78
C ASN A 248 22.64 1.32 -1.46
N GLN A 249 23.10 2.40 -2.08
CA GLN A 249 22.22 3.40 -2.67
C GLN A 249 21.64 2.97 -4.01
N LYS A 250 22.04 1.79 -4.48
CA LYS A 250 21.41 1.21 -5.66
C LYS A 250 19.99 0.76 -5.32
N LEU A 251 19.81 0.24 -4.11
CA LEU A 251 18.48 -0.12 -3.65
C LEU A 251 17.63 1.13 -3.46
N SER A 252 18.21 2.13 -2.81
CA SER A 252 17.51 3.36 -2.47
C SER A 252 18.53 4.44 -2.12
N PRO A 253 18.50 5.58 -2.83
CA PRO A 253 19.45 6.65 -2.52
C PRO A 253 19.16 7.31 -1.16
N PHE A 254 20.19 7.85 -0.52
CA PHE A 254 20.03 8.53 0.75
C PHE A 254 19.15 9.77 0.55
N MET A 255 19.49 10.55 -0.47
CA MET A 255 18.66 11.65 -0.92
C MET A 255 17.57 11.06 -1.79
N ARG A 256 16.50 10.59 -1.15
CA ARG A 256 15.53 9.72 -1.79
C ARG A 256 14.47 10.46 -2.60
N LYS A 257 13.64 11.25 -1.93
CA LYS A 257 12.60 12.01 -2.61
C LYS A 257 12.58 13.45 -2.15
N GLY A 258 12.71 13.66 -0.84
CA GLY A 258 12.84 15.01 -0.30
C GLY A 258 11.56 15.80 -0.34
N ILE A 259 10.43 15.14 -0.19
CA ILE A 259 9.16 15.83 -0.18
C ILE A 259 8.43 15.65 1.14
N THR A 260 7.34 16.39 1.31
CA THR A 260 6.41 16.16 2.39
C THR A 260 5.23 15.44 1.78
N GLY A 261 4.82 14.32 2.38
CA GLY A 261 3.63 13.62 1.93
C GLY A 261 3.82 12.30 1.21
N ASP A 262 5.05 11.77 1.21
CA ASP A 262 5.30 10.49 0.55
C ASP A 262 4.58 9.36 1.28
N TRP A 263 4.14 9.62 2.50
CA TRP A 263 3.36 8.63 3.24
C TRP A 263 2.08 8.28 2.49
N LYS A 264 1.55 9.23 1.72
CA LYS A 264 0.35 8.97 0.93
C LYS A 264 0.61 7.88 -0.10
N ASN A 265 1.87 7.69 -0.46
CA ASN A 265 2.27 6.67 -1.41
C ASN A 265 2.59 5.32 -0.78
N HIS A 266 2.44 5.19 0.54
CA HIS A 266 2.84 3.96 1.23
C HIS A 266 1.83 3.39 2.21
N PHE A 267 1.18 4.24 2.96
CA PHE A 267 0.16 3.81 3.90
C PHE A 267 -1.10 3.40 3.16
N THR A 268 -1.66 2.24 3.50
CA THR A 268 -2.97 1.88 2.97
C THR A 268 -4.01 2.59 3.82
N GLU A 269 -5.26 2.53 3.38
CA GLU A 269 -6.32 3.20 4.11
C GLU A 269 -6.48 2.62 5.51
N ALA A 270 -6.35 1.30 5.62
CA ALA A 270 -6.45 0.64 6.91
C ALA A 270 -5.26 0.99 7.82
N LEU A 271 -4.05 1.00 7.27
CA LEU A 271 -2.87 1.31 8.07
C LEU A 271 -2.94 2.75 8.55
N ASN A 272 -3.37 3.63 7.65
CA ASN A 272 -3.55 5.04 7.98
C ASN A 272 -4.54 5.23 9.12
N GLU A 273 -5.64 4.46 9.09
CA GLU A 273 -6.63 4.54 10.16
C GLU A 273 -6.07 4.06 11.51
N LYS A 274 -5.43 2.90 11.49
CA LYS A 274 -4.77 2.37 12.68
C LYS A 274 -3.71 3.36 13.20
N PHE A 275 -2.90 3.90 12.29
CA PHE A 275 -1.82 4.81 12.69
C PHE A 275 -2.39 6.10 13.31
N ASP A 276 -3.43 6.64 12.69
CA ASP A 276 -4.01 7.91 13.13
C ASP A 276 -4.63 7.80 14.52
N LYS A 277 -5.35 6.71 14.76
CA LYS A 277 -5.96 6.49 16.07
C LYS A 277 -4.88 6.44 17.16
N HIS A 278 -3.85 5.63 16.92
CA HIS A 278 -2.73 5.47 17.85
C HIS A 278 -2.02 6.80 18.06
N TYR A 279 -1.82 7.54 16.98
CA TYR A 279 -1.12 8.82 17.02
C TYR A 279 -1.82 9.82 17.94
N GLU A 280 -3.14 9.88 17.82
CA GLU A 280 -3.94 10.79 18.63
C GLU A 280 -3.77 10.49 20.12
N GLN A 281 -3.75 9.21 20.47
CA GLN A 281 -3.59 8.81 21.86
C GLN A 281 -2.22 9.19 22.39
N GLN A 282 -1.21 9.07 21.53
CA GLN A 282 0.17 9.40 21.91
C GLN A 282 0.36 10.90 22.06
N MET A 283 -0.32 11.68 21.24
CA MET A 283 0.02 13.09 21.11
C MET A 283 -1.02 14.06 21.68
N LYS A 284 -2.13 13.54 22.17
CA LYS A 284 -3.22 14.38 22.66
C LYS A 284 -2.79 15.34 23.77
N GLU A 285 -1.86 14.90 24.61
CA GLU A 285 -1.44 15.68 25.77
C GLU A 285 -0.23 16.57 25.49
N SER A 286 -0.16 17.10 24.27
CA SER A 286 0.93 17.99 23.89
C SER A 286 0.45 19.07 22.95
N THR A 287 1.02 20.25 23.09
CA THR A 287 0.67 21.39 22.24
C THR A 287 1.43 21.38 20.91
N LEU A 288 2.38 20.45 20.78
CA LEU A 288 3.10 20.27 19.53
C LEU A 288 2.14 19.86 18.41
N LYS A 289 2.14 20.61 17.32
CA LYS A 289 1.27 20.28 16.17
C LYS A 289 2.06 20.14 14.86
N PHE A 290 1.83 19.05 14.16
CA PHE A 290 2.49 18.76 12.90
C PHE A 290 1.57 18.89 11.70
N ARG A 291 2.17 19.10 10.54
CA ARG A 291 1.42 19.05 9.28
C ARG A 291 1.87 17.84 8.46
N THR A 292 0.91 17.09 7.94
CA THR A 292 1.20 15.92 7.11
C THR A 292 1.15 16.30 5.62
N GLU A 293 0.83 17.57 5.37
CA GLU A 293 0.80 18.13 4.02
C GLU A 293 0.86 19.66 4.11
N SER B 3 7.68 -5.31 -21.34
CA SER B 3 6.85 -5.72 -20.22
C SER B 3 5.36 -5.41 -20.49
N GLU B 4 5.11 -4.27 -21.14
CA GLU B 4 3.81 -4.02 -21.80
C GLU B 4 3.49 -4.99 -22.95
N LEU B 5 4.49 -5.24 -23.81
CA LEU B 5 4.34 -6.22 -24.89
C LEU B 5 4.00 -7.59 -24.32
N ASP B 6 4.68 -7.94 -23.23
CA ASP B 6 4.46 -9.21 -22.53
C ASP B 6 3.03 -9.28 -21.99
N TYR B 7 2.54 -8.14 -21.51
CA TYR B 7 1.20 -8.11 -20.91
C TYR B 7 0.13 -8.49 -21.93
N TYR B 8 0.14 -7.81 -23.06
CA TYR B 8 -0.93 -7.96 -24.05
C TYR B 8 -0.81 -9.22 -24.90
N GLU B 9 0.32 -9.90 -24.80
CA GLU B 9 0.53 -11.16 -25.53
C GLU B 9 -0.50 -12.23 -25.15
N LYS B 10 -1.00 -12.18 -23.91
CA LYS B 10 -1.97 -13.16 -23.44
C LYS B 10 -3.37 -12.87 -23.97
N PHE B 11 -3.59 -11.67 -24.51
CA PHE B 11 -4.95 -11.17 -24.74
C PHE B 11 -5.18 -10.72 -26.18
N GLU B 12 -6.42 -10.78 -26.62
CA GLU B 12 -6.79 -10.28 -27.91
C GLU B 12 -8.13 -9.60 -27.75
N GLU B 13 -8.35 -8.55 -28.50
CA GLU B 13 -9.63 -7.91 -28.51
C GLU B 13 -10.67 -8.69 -29.31
N VAL B 14 -11.88 -8.75 -28.77
CA VAL B 14 -13.04 -9.18 -29.54
C VAL B 14 -14.16 -8.14 -29.40
N HIS B 15 -14.57 -7.55 -30.52
CA HIS B 15 -15.56 -6.48 -30.50
C HIS B 15 -15.23 -5.36 -29.52
N GLY B 16 -13.96 -5.00 -29.40
CA GLY B 16 -13.57 -3.87 -28.59
C GLY B 16 -13.23 -4.18 -27.13
N ILE B 17 -13.41 -5.41 -26.69
CA ILE B 17 -12.97 -5.76 -25.34
C ILE B 17 -11.82 -6.75 -25.33
N LEU B 18 -10.86 -6.49 -24.45
CA LEU B 18 -9.74 -7.40 -24.24
C LEU B 18 -10.28 -8.73 -23.74
N MET B 19 -9.68 -9.82 -24.21
CA MET B 19 -10.17 -11.16 -23.91
C MET B 19 -9.02 -12.16 -23.92
N TYR B 20 -9.14 -13.22 -23.12
CA TYR B 20 -8.20 -14.34 -23.15
C TYR B 20 -8.06 -14.86 -24.58
N LYS B 21 -6.83 -14.94 -25.07
CA LYS B 21 -6.59 -15.32 -26.46
C LYS B 21 -7.26 -16.64 -26.80
N ASP B 22 -7.21 -17.58 -25.85
CA ASP B 22 -7.83 -18.89 -26.02
C ASP B 22 -9.31 -18.82 -26.40
N PHE B 23 -10.05 -17.91 -25.76
CA PHE B 23 -11.49 -17.83 -26.00
C PHE B 23 -11.78 -17.30 -27.41
N VAL B 24 -10.97 -16.32 -27.83
CA VAL B 24 -11.20 -15.61 -29.09
C VAL B 24 -11.07 -16.55 -30.30
N LYS B 25 -10.19 -17.53 -30.18
CA LYS B 25 -10.02 -18.57 -31.20
C LYS B 25 -11.34 -19.16 -31.64
N TYR B 26 -12.25 -19.36 -30.70
CA TYR B 26 -13.47 -20.11 -30.96
C TYR B 26 -14.72 -19.26 -30.88
N TRP B 27 -14.57 -17.94 -30.98
CA TRP B 27 -15.64 -17.00 -30.67
C TRP B 27 -16.90 -17.13 -31.51
N ASP B 28 -16.76 -17.55 -32.75
CA ASP B 28 -17.95 -17.74 -33.58
C ASP B 28 -18.97 -18.69 -32.95
N ASN B 29 -18.48 -19.71 -32.27
CA ASN B 29 -19.36 -20.64 -31.54
C ASN B 29 -20.14 -19.97 -30.45
N VAL B 30 -19.53 -18.98 -29.80
CA VAL B 30 -20.23 -18.18 -28.80
C VAL B 30 -21.35 -17.33 -29.44
N GLU B 31 -21.01 -16.56 -30.45
CA GLU B 31 -22.00 -15.68 -31.06
C GLU B 31 -23.16 -16.47 -31.67
N ALA B 32 -22.89 -17.69 -32.12
CA ALA B 32 -23.91 -18.51 -32.74
C ALA B 32 -24.64 -19.42 -31.76
N PHE B 33 -24.31 -19.31 -30.46
CA PHE B 33 -24.92 -20.16 -29.44
C PHE B 33 -26.44 -20.08 -29.44
N GLN B 34 -27.08 -21.24 -29.32
CA GLN B 34 -28.54 -21.32 -29.34
C GLN B 34 -29.10 -21.47 -27.93
N ALA B 35 -29.80 -20.44 -27.48
CA ALA B 35 -30.38 -20.46 -26.14
C ALA B 35 -31.72 -21.18 -26.17
N ARG B 36 -32.20 -21.61 -25.02
CA ARG B 36 -33.55 -22.13 -24.88
C ARG B 36 -34.33 -21.18 -23.97
N PRO B 37 -35.65 -21.12 -24.15
CA PRO B 37 -36.46 -20.12 -23.42
C PRO B 37 -36.34 -20.23 -21.90
N ASP B 38 -36.04 -21.41 -21.38
CA ASP B 38 -35.92 -21.58 -19.95
C ASP B 38 -34.47 -21.62 -19.46
N ASP B 39 -33.54 -21.13 -20.28
CA ASP B 39 -32.16 -20.97 -19.81
C ASP B 39 -32.16 -19.86 -18.77
N LEU B 40 -31.31 -20.02 -17.76
CA LEU B 40 -31.04 -18.96 -16.80
C LEU B 40 -29.60 -18.49 -16.98
N VAL B 41 -29.41 -17.19 -17.20
CA VAL B 41 -28.06 -16.68 -17.34
C VAL B 41 -27.60 -16.03 -16.05
N ILE B 42 -26.44 -16.47 -15.56
CA ILE B 42 -25.77 -15.78 -14.47
C ILE B 42 -24.61 -14.98 -15.05
N ALA B 43 -24.73 -13.66 -15.02
CA ALA B 43 -23.72 -12.78 -15.61
C ALA B 43 -23.03 -11.90 -14.57
N THR B 44 -21.72 -11.74 -14.68
CA THR B 44 -20.94 -10.95 -13.74
C THR B 44 -19.69 -10.42 -14.41
N TYR B 45 -19.19 -9.28 -13.98
CA TYR B 45 -17.81 -8.94 -14.26
C TYR B 45 -16.95 -9.90 -13.42
N PRO B 46 -15.76 -10.29 -13.92
CA PRO B 46 -14.95 -11.24 -13.15
C PRO B 46 -14.73 -10.84 -11.67
N LYS B 47 -14.73 -11.84 -10.79
CA LYS B 47 -14.33 -11.69 -9.39
C LYS B 47 -15.33 -10.88 -8.56
N SER B 48 -16.58 -10.89 -9.01
CA SER B 48 -17.66 -10.17 -8.34
C SER B 48 -18.57 -11.07 -7.50
N GLY B 49 -18.23 -12.35 -7.39
CA GLY B 49 -19.04 -13.29 -6.63
C GLY B 49 -19.81 -14.30 -7.47
N THR B 50 -19.34 -14.57 -8.67
CA THR B 50 -20.02 -15.49 -9.60
C THR B 50 -20.26 -16.85 -8.95
N THR B 51 -19.21 -17.44 -8.39
CA THR B 51 -19.29 -18.77 -7.82
C THR B 51 -20.30 -18.84 -6.68
N TRP B 52 -20.29 -17.81 -5.84
CA TRP B 52 -21.25 -17.68 -4.75
C TRP B 52 -22.70 -17.68 -5.24
N VAL B 53 -23.07 -16.73 -6.09
CA VAL B 53 -24.46 -16.65 -6.54
C VAL B 53 -24.87 -17.88 -7.36
N SER B 54 -23.90 -18.46 -8.07
CA SER B 54 -24.09 -19.70 -8.81
C SER B 54 -24.50 -20.86 -7.92
N GLU B 55 -23.82 -21.00 -6.80
CA GLU B 55 -24.13 -22.11 -5.91
C GLU B 55 -25.49 -21.90 -5.24
N ILE B 56 -25.81 -20.65 -4.91
CA ILE B 56 -27.13 -20.33 -4.39
C ILE B 56 -28.21 -20.75 -5.37
N VAL B 57 -28.06 -20.33 -6.62
CA VAL B 57 -29.05 -20.60 -7.66
C VAL B 57 -29.22 -22.09 -7.88
N TYR B 58 -28.09 -22.81 -7.92
CA TYR B 58 -28.14 -24.24 -8.11
C TYR B 58 -28.88 -24.95 -6.97
N MET B 59 -28.68 -24.47 -5.75
CA MET B 59 -29.38 -25.04 -4.59
C MET B 59 -30.88 -24.83 -4.71
N ILE B 60 -31.26 -23.67 -5.23
CA ILE B 60 -32.66 -23.36 -5.43
C ILE B 60 -33.27 -24.31 -6.46
N TYR B 61 -32.51 -24.60 -7.51
CA TYR B 61 -32.95 -25.53 -8.55
C TYR B 61 -33.12 -26.95 -8.02
N LYS B 62 -32.23 -27.34 -7.12
CA LYS B 62 -32.27 -28.69 -6.57
C LYS B 62 -33.07 -28.76 -5.28
N GLU B 63 -33.82 -27.70 -4.99
CA GLU B 63 -34.64 -27.60 -3.78
C GLU B 63 -33.84 -27.90 -2.50
N GLY B 64 -32.60 -27.43 -2.46
CA GLY B 64 -31.77 -27.53 -1.27
C GLY B 64 -31.08 -28.86 -1.07
N ASP B 65 -31.18 -29.75 -2.07
CA ASP B 65 -30.55 -31.06 -2.01
C ASP B 65 -29.04 -30.89 -2.13
N VAL B 66 -28.35 -30.97 -1.00
CA VAL B 66 -26.91 -30.72 -0.95
C VAL B 66 -26.13 -31.77 -1.73
N GLU B 67 -26.57 -33.02 -1.64
CA GLU B 67 -25.87 -34.11 -2.30
C GLU B 67 -25.97 -34.04 -3.83
N LYS B 68 -27.06 -33.46 -4.32
CA LYS B 68 -27.19 -33.18 -5.75
C LYS B 68 -26.21 -32.10 -6.17
N CYS B 69 -25.98 -31.14 -5.27
CA CYS B 69 -25.07 -30.03 -5.58
C CYS B 69 -23.62 -30.47 -5.61
N LYS B 70 -23.29 -31.51 -4.85
CA LYS B 70 -21.91 -31.98 -4.74
C LYS B 70 -21.60 -33.13 -5.70
N GLU B 71 -22.56 -33.50 -6.53
CA GLU B 71 -22.41 -34.63 -7.44
C GLU B 71 -21.34 -34.40 -8.49
N ASP B 72 -21.16 -33.13 -8.88
CA ASP B 72 -20.18 -32.76 -9.89
C ASP B 72 -19.62 -31.39 -9.49
N VAL B 73 -18.47 -31.02 -10.04
CA VAL B 73 -17.88 -29.72 -9.74
C VAL B 73 -18.70 -28.60 -10.39
N ILE B 74 -18.63 -27.41 -9.79
CA ILE B 74 -19.48 -26.29 -10.21
C ILE B 74 -19.27 -25.88 -11.67
N PHE B 75 -18.04 -25.98 -12.17
CA PHE B 75 -17.80 -25.59 -13.56
C PHE B 75 -18.30 -26.61 -14.57
N ASN B 76 -18.82 -27.73 -14.07
CA ASN B 76 -19.52 -28.70 -14.90
C ASN B 76 -21.03 -28.59 -14.73
N ARG B 77 -21.47 -28.33 -13.50
CA ARG B 77 -22.88 -28.17 -13.23
C ARG B 77 -23.41 -26.91 -13.90
N ILE B 78 -22.55 -25.89 -13.98
CA ILE B 78 -22.93 -24.59 -14.52
C ILE B 78 -21.86 -24.13 -15.49
N PRO B 79 -21.99 -24.51 -16.77
CA PRO B 79 -20.93 -24.24 -17.74
C PRO B 79 -20.65 -22.76 -18.00
N PHE B 80 -19.37 -22.46 -18.19
CA PHE B 80 -18.85 -21.13 -18.47
C PHE B 80 -18.95 -20.91 -19.99
N LEU B 81 -20.03 -20.26 -20.42
CA LEU B 81 -20.39 -20.08 -21.82
C LEU B 81 -19.26 -19.81 -22.81
N GLU B 82 -18.54 -18.70 -22.63
CA GLU B 82 -17.58 -18.28 -23.63
C GLU B 82 -16.22 -18.94 -23.46
N CYS B 83 -16.09 -19.76 -22.42
CA CYS B 83 -14.80 -20.38 -22.10
C CYS B 83 -14.55 -21.61 -22.96
N ARG B 84 -13.34 -21.68 -23.56
CA ARG B 84 -12.89 -22.86 -24.28
C ARG B 84 -11.40 -22.91 -24.24
N LYS B 85 -10.86 -24.10 -23.95
CA LYS B 85 -9.41 -24.37 -23.86
C LYS B 85 -9.21 -25.78 -24.43
N GLU B 86 -8.41 -25.88 -25.51
CA GLU B 86 -8.17 -27.13 -26.20
C GLU B 86 -7.77 -28.25 -25.25
N ASN B 87 -8.43 -29.39 -25.42
CA ASN B 87 -8.23 -30.59 -24.61
C ASN B 87 -8.73 -30.50 -23.17
N LEU B 88 -9.13 -29.31 -22.75
CA LEU B 88 -9.52 -29.09 -21.35
C LEU B 88 -11.03 -28.96 -21.18
N MET B 89 -11.61 -27.94 -21.79
CA MET B 89 -13.06 -27.75 -21.67
C MET B 89 -13.65 -26.93 -22.80
N ASN B 90 -14.97 -26.99 -22.91
CA ASN B 90 -15.69 -26.35 -24.00
C ASN B 90 -17.10 -25.99 -23.53
N GLY B 91 -17.28 -24.74 -23.09
CA GLY B 91 -18.54 -24.32 -22.49
C GLY B 91 -19.74 -24.51 -23.39
N VAL B 92 -19.60 -24.10 -24.65
CA VAL B 92 -20.69 -24.20 -25.62
C VAL B 92 -21.13 -25.66 -25.80
N LYS B 93 -20.16 -26.55 -25.97
CA LYS B 93 -20.43 -27.97 -26.10
C LYS B 93 -21.10 -28.56 -24.85
N GLN B 94 -20.60 -28.20 -23.67
CA GLN B 94 -21.22 -28.65 -22.42
C GLN B 94 -22.68 -28.22 -22.36
N LEU B 95 -22.95 -26.99 -22.79
CA LEU B 95 -24.31 -26.49 -22.78
C LEU B 95 -25.18 -27.16 -23.84
N ASP B 96 -24.59 -27.35 -25.02
CA ASP B 96 -25.31 -27.97 -26.14
C ASP B 96 -25.86 -29.34 -25.78
N GLU B 97 -25.10 -30.08 -24.97
CA GLU B 97 -25.43 -31.47 -24.66
C GLU B 97 -26.14 -31.60 -23.32
N MET B 98 -26.53 -30.47 -22.75
CA MET B 98 -27.14 -30.46 -21.43
C MET B 98 -28.66 -30.44 -21.53
N ASN B 99 -29.32 -31.15 -20.62
CA ASN B 99 -30.77 -31.10 -20.54
C ASN B 99 -31.23 -29.83 -19.85
N SER B 100 -32.38 -29.30 -20.28
CA SER B 100 -32.97 -28.14 -19.67
C SER B 100 -33.54 -28.51 -18.30
N PRO B 101 -33.71 -27.53 -17.39
CA PRO B 101 -33.31 -26.13 -17.52
C PRO B 101 -31.79 -25.95 -17.36
N ARG B 102 -31.18 -25.16 -18.24
CA ARG B 102 -29.74 -24.96 -18.19
C ARG B 102 -29.41 -23.68 -17.44
N ILE B 103 -28.38 -23.74 -16.62
CA ILE B 103 -27.86 -22.54 -15.96
C ILE B 103 -26.53 -22.17 -16.61
N VAL B 104 -26.45 -20.94 -17.11
CA VAL B 104 -25.29 -20.52 -17.91
C VAL B 104 -24.49 -19.45 -17.18
N LYS B 105 -23.19 -19.69 -16.98
CA LYS B 105 -22.31 -18.67 -16.45
C LYS B 105 -21.67 -17.88 -17.58
N THR B 106 -21.62 -16.56 -17.44
CA THR B 106 -20.93 -15.72 -18.42
C THR B 106 -20.36 -14.48 -17.75
N HIS B 107 -19.34 -13.89 -18.38
CA HIS B 107 -18.84 -12.61 -17.90
C HIS B 107 -19.03 -11.53 -18.96
N LEU B 108 -19.79 -11.84 -19.99
CA LEU B 108 -19.94 -10.92 -21.11
C LEU B 108 -20.77 -9.69 -20.76
N PRO B 109 -20.40 -8.54 -21.31
CA PRO B 109 -21.26 -7.35 -21.31
C PRO B 109 -22.53 -7.66 -22.09
N PRO B 110 -23.63 -6.98 -21.77
CA PRO B 110 -24.90 -7.37 -22.40
C PRO B 110 -24.86 -7.22 -23.92
N GLU B 111 -24.07 -6.29 -24.42
CA GLU B 111 -23.96 -6.08 -25.87
C GLU B 111 -23.30 -7.27 -26.58
N LEU B 112 -22.55 -8.08 -25.85
CA LEU B 112 -21.87 -9.23 -26.46
C LEU B 112 -22.53 -10.56 -26.11
N LEU B 113 -23.54 -10.54 -25.26
CA LEU B 113 -24.23 -11.76 -24.92
C LEU B 113 -24.86 -12.27 -26.22
N PRO B 114 -24.73 -13.58 -26.49
CA PRO B 114 -25.25 -14.15 -27.75
C PRO B 114 -26.71 -13.76 -27.95
N ALA B 115 -27.04 -13.34 -29.17
CA ALA B 115 -28.33 -12.71 -29.46
C ALA B 115 -29.52 -13.61 -29.13
N SER B 116 -29.30 -14.92 -29.18
CA SER B 116 -30.32 -15.91 -28.87
C SER B 116 -30.91 -15.76 -27.44
N PHE B 117 -30.10 -15.34 -26.48
CA PHE B 117 -30.60 -15.12 -25.10
C PHE B 117 -31.59 -13.97 -25.03
N TRP B 118 -31.32 -12.90 -25.78
CA TRP B 118 -32.24 -11.78 -25.80
C TRP B 118 -33.50 -12.14 -26.57
N GLU B 119 -33.33 -12.87 -27.68
CA GLU B 119 -34.44 -13.27 -28.54
C GLU B 119 -35.46 -14.14 -27.81
N LYS B 120 -34.98 -15.08 -27.02
CA LYS B 120 -35.87 -15.94 -26.26
C LYS B 120 -36.18 -15.37 -24.87
N ASP B 121 -35.78 -14.12 -24.64
CA ASP B 121 -36.15 -13.38 -23.43
C ASP B 121 -35.82 -14.14 -22.14
N CYS B 122 -34.67 -14.79 -22.11
CA CYS B 122 -34.26 -15.60 -20.96
C CYS B 122 -34.13 -14.77 -19.69
N LYS B 123 -34.39 -15.40 -18.55
CA LYS B 123 -34.08 -14.79 -17.26
C LYS B 123 -32.58 -14.62 -17.10
N ILE B 124 -32.18 -13.47 -16.55
CA ILE B 124 -30.78 -13.20 -16.26
C ILE B 124 -30.65 -12.69 -14.82
N ILE B 125 -29.64 -13.18 -14.10
CA ILE B 125 -29.24 -12.59 -12.84
C ILE B 125 -27.87 -11.95 -13.04
N TYR B 126 -27.76 -10.66 -12.71
CA TYR B 126 -26.47 -9.98 -12.80
C TYR B 126 -26.00 -9.63 -11.39
N LEU B 127 -24.75 -9.96 -11.10
CA LEU B 127 -24.18 -9.65 -9.80
C LEU B 127 -22.99 -8.73 -9.99
N CYS B 128 -23.00 -7.60 -9.30
CA CYS B 128 -21.85 -6.71 -9.33
C CYS B 128 -21.35 -6.44 -7.92
N ARG B 129 -20.15 -5.90 -7.86
CA ARG B 129 -19.42 -5.74 -6.62
C ARG B 129 -18.65 -4.44 -6.76
N ASN B 130 -18.39 -3.73 -5.66
CA ASN B 130 -17.69 -2.46 -5.78
C ASN B 130 -16.34 -2.61 -6.49
N ALA B 131 -16.00 -1.63 -7.32
CA ALA B 131 -14.86 -1.75 -8.23
C ALA B 131 -13.53 -2.01 -7.56
N LYS B 132 -13.32 -1.39 -6.40
CA LYS B 132 -12.06 -1.55 -5.69
C LYS B 132 -11.82 -2.98 -5.21
N ASP B 133 -12.85 -3.59 -4.64
CA ASP B 133 -12.74 -4.98 -4.20
C ASP B 133 -12.59 -5.93 -5.36
N VAL B 134 -13.29 -5.65 -6.45
CA VAL B 134 -13.12 -6.43 -7.68
C VAL B 134 -11.66 -6.35 -8.14
N ALA B 135 -11.09 -5.15 -8.08
CA ALA B 135 -9.72 -4.93 -8.53
C ALA B 135 -8.74 -5.77 -7.71
N VAL B 136 -8.93 -5.79 -6.40
CA VAL B 136 -8.08 -6.59 -5.53
C VAL B 136 -8.20 -8.07 -5.84
N SER B 137 -9.43 -8.56 -5.97
CA SER B 137 -9.69 -9.96 -6.25
C SER B 137 -9.12 -10.37 -7.60
N PHE B 138 -9.26 -9.48 -8.59
CA PHE B 138 -8.78 -9.75 -9.94
C PHE B 138 -7.25 -9.81 -9.92
N TYR B 139 -6.64 -8.97 -9.09
CA TYR B 139 -5.20 -8.90 -8.98
C TYR B 139 -4.63 -10.27 -8.58
N TYR B 140 -5.12 -10.82 -7.49
CA TYR B 140 -4.68 -12.14 -7.03
C TYR B 140 -5.02 -13.24 -8.01
N PHE B 141 -6.13 -13.08 -8.73
CA PHE B 141 -6.54 -14.02 -9.75
C PHE B 141 -5.52 -14.07 -10.88
N PHE B 142 -4.99 -12.91 -11.24
CA PHE B 142 -3.92 -12.81 -12.24
C PHE B 142 -2.69 -13.60 -11.80
N LEU B 143 -2.33 -13.48 -10.53
CA LEU B 143 -1.14 -14.15 -10.01
C LEU B 143 -1.30 -15.67 -9.96
N MET B 144 -2.52 -16.12 -9.66
CA MET B 144 -2.79 -17.54 -9.38
C MET B 144 -3.08 -18.37 -10.64
N VAL B 145 -3.71 -17.74 -11.64
CA VAL B 145 -4.23 -18.47 -12.79
C VAL B 145 -3.37 -18.35 -14.05
N ALA B 146 -2.97 -19.48 -14.61
CA ALA B 146 -2.13 -19.48 -15.80
C ALA B 146 -2.88 -18.92 -17.01
N GLY B 147 -2.16 -18.30 -17.93
CA GLY B 147 -2.78 -17.63 -19.05
C GLY B 147 -2.91 -16.14 -18.77
N HIS B 148 -2.54 -15.74 -17.56
CA HIS B 148 -2.45 -14.32 -17.22
C HIS B 148 -1.00 -13.87 -17.31
N PRO B 149 -0.79 -12.62 -17.69
CA PRO B 149 0.58 -12.10 -17.63
C PRO B 149 0.85 -11.68 -16.20
N ASN B 150 2.07 -11.20 -15.94
CA ASN B 150 2.35 -10.60 -14.65
C ASN B 150 1.54 -9.31 -14.56
N PRO B 151 0.73 -9.17 -13.50
CA PRO B 151 -0.14 -8.00 -13.38
C PRO B 151 0.63 -6.73 -13.01
N GLY B 152 1.92 -6.88 -12.70
CA GLY B 152 2.71 -5.76 -12.21
C GLY B 152 2.51 -5.57 -10.73
N SER B 153 2.98 -4.45 -10.19
CA SER B 153 2.66 -4.08 -8.82
C SER B 153 1.17 -3.78 -8.74
N PHE B 154 0.64 -3.74 -7.52
CA PHE B 154 -0.78 -3.42 -7.37
C PHE B 154 -1.19 -2.09 -8.01
N PRO B 155 -0.42 -1.00 -7.78
CA PRO B 155 -0.82 0.25 -8.44
C PRO B 155 -0.76 0.17 -9.97
N GLU B 156 0.19 -0.59 -10.52
CA GLU B 156 0.27 -0.76 -11.96
C GLU B 156 -0.96 -1.51 -12.46
N PHE B 157 -1.39 -2.50 -11.69
CA PHE B 157 -2.56 -3.28 -12.09
C PHE B 157 -3.82 -2.43 -12.03
N VAL B 158 -3.91 -1.58 -11.03
CA VAL B 158 -5.07 -0.73 -10.87
C VAL B 158 -5.17 0.26 -12.03
N GLU B 159 -4.02 0.67 -12.56
CA GLU B 159 -4.03 1.53 -13.75
C GLU B 159 -4.61 0.79 -14.96
N LYS B 160 -4.22 -0.47 -15.13
CA LYS B 160 -4.80 -1.30 -16.18
C LYS B 160 -6.30 -1.43 -15.99
N PHE B 161 -6.71 -1.64 -14.73
CA PHE B 161 -8.12 -1.78 -14.37
C PHE B 161 -8.90 -0.53 -14.73
N MET B 162 -8.41 0.64 -14.32
CA MET B 162 -9.11 1.88 -14.58
C MET B 162 -9.29 2.15 -16.08
N GLN B 163 -8.36 1.61 -16.88
N GLN B 163 -8.37 1.61 -16.89
CA GLN B 163 -8.38 1.83 -18.32
CA GLN B 163 -8.43 1.86 -18.33
C GLN B 163 -9.15 0.73 -19.05
C GLN B 163 -9.10 0.70 -19.07
N GLY B 164 -9.58 -0.29 -18.32
CA GLY B 164 -10.31 -1.40 -18.90
C GLY B 164 -9.38 -2.32 -19.68
N GLN B 165 -8.09 -2.26 -19.35
CA GLN B 165 -7.10 -3.10 -20.02
C GLN B 165 -6.85 -4.42 -19.29
N VAL B 166 -7.94 -5.12 -19.01
CA VAL B 166 -7.92 -6.42 -18.36
C VAL B 166 -8.98 -7.24 -19.10
N PRO B 167 -8.96 -8.58 -18.95
CA PRO B 167 -9.98 -9.39 -19.62
C PRO B 167 -11.40 -8.94 -19.28
N TYR B 168 -12.24 -8.87 -20.31
CA TYR B 168 -13.63 -8.40 -20.24
C TYR B 168 -13.80 -6.89 -20.24
N GLY B 169 -12.69 -6.17 -20.37
CA GLY B 169 -12.72 -4.73 -20.58
C GLY B 169 -13.09 -3.91 -19.36
N SER B 170 -13.67 -2.74 -19.63
CA SER B 170 -14.02 -1.77 -18.59
C SER B 170 -15.10 -2.26 -17.64
N TRP B 171 -14.74 -2.37 -16.36
CA TRP B 171 -15.70 -2.67 -15.29
C TRP B 171 -16.85 -1.66 -15.34
N TYR B 172 -16.47 -0.40 -15.51
CA TYR B 172 -17.40 0.72 -15.53
C TYR B 172 -18.46 0.54 -16.61
N LYS B 173 -18.04 0.26 -17.83
CA LYS B 173 -18.99 0.06 -18.94
C LYS B 173 -19.85 -1.17 -18.69
N HIS B 174 -19.25 -2.19 -18.10
CA HIS B 174 -19.91 -3.47 -17.87
C HIS B 174 -21.09 -3.28 -16.93
N VAL B 175 -20.83 -2.70 -15.76
CA VAL B 175 -21.86 -2.54 -14.75
C VAL B 175 -22.91 -1.50 -15.16
N LYS B 176 -22.49 -0.45 -15.86
CA LYS B 176 -23.44 0.54 -16.33
C LYS B 176 -24.41 -0.04 -17.37
N SER B 177 -23.90 -0.80 -18.33
CA SER B 177 -24.78 -1.39 -19.34
C SER B 177 -25.75 -2.39 -18.73
N TRP B 178 -25.25 -3.26 -17.86
CA TRP B 178 -26.10 -4.23 -17.19
C TRP B 178 -27.12 -3.57 -16.24
N TRP B 179 -26.73 -2.43 -15.66
CA TRP B 179 -27.64 -1.65 -14.82
C TRP B 179 -28.87 -1.22 -15.62
N GLU B 180 -28.66 -0.81 -16.85
CA GLU B 180 -29.78 -0.44 -17.71
C GLU B 180 -30.65 -1.66 -18.03
N LYS B 181 -30.00 -2.79 -18.32
CA LYS B 181 -30.75 -4.02 -18.54
C LYS B 181 -31.54 -4.46 -17.30
N GLY B 182 -30.97 -4.18 -16.12
CA GLY B 182 -31.59 -4.57 -14.85
C GLY B 182 -32.86 -3.81 -14.50
N LYS B 183 -33.19 -2.79 -15.28
CA LYS B 183 -34.46 -2.09 -15.09
C LYS B 183 -35.62 -2.99 -15.47
N SER B 184 -35.36 -3.97 -16.33
CA SER B 184 -36.37 -4.97 -16.69
C SER B 184 -36.53 -5.99 -15.57
N PRO B 185 -37.79 -6.39 -15.27
CA PRO B 185 -38.00 -7.41 -14.24
C PRO B 185 -37.42 -8.76 -14.63
N ARG B 186 -37.05 -8.90 -15.90
CA ARG B 186 -36.49 -10.14 -16.42
C ARG B 186 -35.02 -10.30 -16.07
N VAL B 187 -34.38 -9.20 -15.69
CA VAL B 187 -32.95 -9.21 -15.37
C VAL B 187 -32.80 -8.76 -13.93
N LEU B 188 -32.46 -9.69 -13.05
CA LEU B 188 -32.33 -9.39 -11.63
C LEU B 188 -30.95 -8.84 -11.31
N PHE B 189 -30.87 -7.57 -10.94
CA PHE B 189 -29.60 -6.92 -10.63
C PHE B 189 -29.26 -6.99 -9.14
N LEU B 190 -28.20 -7.72 -8.80
CA LEU B 190 -27.82 -7.91 -7.39
C LEU B 190 -26.46 -7.29 -7.04
N PHE B 191 -26.23 -7.06 -5.76
CA PHE B 191 -24.94 -6.56 -5.27
C PHE B 191 -24.29 -7.57 -4.32
N TYR B 192 -23.01 -7.81 -4.52
CA TYR B 192 -22.21 -8.65 -3.63
C TYR B 192 -22.31 -8.14 -2.19
N GLU B 193 -22.26 -6.82 -2.02
CA GLU B 193 -22.34 -6.20 -0.72
C GLU B 193 -23.69 -6.47 -0.01
N ASP B 194 -24.75 -6.67 -0.79
CA ASP B 194 -26.05 -7.01 -0.22
C ASP B 194 -26.08 -8.45 0.25
N LEU B 195 -25.46 -9.34 -0.50
CA LEU B 195 -25.35 -10.74 -0.09
C LEU B 195 -24.51 -10.86 1.19
N LYS B 196 -23.54 -9.97 1.34
CA LYS B 196 -22.76 -9.91 2.59
C LYS B 196 -23.59 -9.31 3.73
N GLU B 197 -24.25 -8.20 3.47
CA GLU B 197 -25.02 -7.49 4.51
C GLU B 197 -26.21 -8.29 5.07
N ASP B 198 -26.96 -8.96 4.20
CA ASP B 198 -28.15 -9.70 4.64
C ASP B 198 -28.41 -10.84 3.65
N ILE B 199 -27.70 -11.95 3.83
CA ILE B 199 -27.79 -13.04 2.88
C ILE B 199 -29.21 -13.58 2.76
N ARG B 200 -29.93 -13.63 3.89
CA ARG B 200 -31.28 -14.17 3.91
C ARG B 200 -32.20 -13.37 2.99
N LYS B 201 -32.08 -12.05 3.06
CA LYS B 201 -32.90 -11.18 2.25
C LYS B 201 -32.67 -11.39 0.76
N GLU B 202 -31.43 -11.64 0.36
CA GLU B 202 -31.12 -11.79 -1.06
C GLU B 202 -31.54 -13.15 -1.56
N VAL B 203 -31.37 -14.16 -0.70
CA VAL B 203 -31.75 -15.53 -1.04
C VAL B 203 -33.24 -15.62 -1.31
N ILE B 204 -34.03 -15.01 -0.45
CA ILE B 204 -35.48 -15.02 -0.62
C ILE B 204 -35.85 -14.31 -1.92
N LYS B 205 -35.22 -13.16 -2.17
CA LYS B 205 -35.40 -12.43 -3.43
CA LYS B 205 -35.40 -12.44 -3.43
C LYS B 205 -35.09 -13.33 -4.62
N LEU B 206 -34.03 -14.13 -4.52
CA LEU B 206 -33.64 -15.03 -5.58
C LEU B 206 -34.64 -16.18 -5.74
N ILE B 207 -35.17 -16.67 -4.63
CA ILE B 207 -36.16 -17.74 -4.69
C ILE B 207 -37.43 -17.27 -5.42
N HIS B 208 -37.94 -16.10 -5.06
CA HIS B 208 -39.11 -15.56 -5.75
C HIS B 208 -38.82 -15.30 -7.22
N PHE B 209 -37.64 -14.75 -7.51
CA PHE B 209 -37.27 -14.49 -8.91
C PHE B 209 -37.26 -15.76 -9.75
N LEU B 210 -36.81 -16.86 -9.15
CA LEU B 210 -36.80 -18.12 -9.83
C LEU B 210 -38.12 -18.90 -9.65
N GLU B 211 -39.13 -18.23 -9.10
CA GLU B 211 -40.47 -18.72 -8.92
C GLU B 211 -40.53 -20.07 -8.22
N ARG B 212 -39.90 -20.16 -7.06
CA ARG B 212 -39.90 -21.36 -6.28
C ARG B 212 -40.52 -20.97 -4.96
N LYS B 213 -40.73 -21.93 -4.05
CA LYS B 213 -41.31 -21.63 -2.74
C LYS B 213 -40.24 -21.40 -1.69
N PRO B 214 -40.32 -20.26 -0.98
CA PRO B 214 -39.34 -19.84 0.02
C PRO B 214 -39.56 -20.45 1.41
N SER B 215 -39.54 -21.77 1.51
CA SER B 215 -39.68 -22.40 2.82
C SER B 215 -38.47 -22.10 3.68
N GLU B 216 -38.67 -22.15 5.00
CA GLU B 216 -37.59 -21.89 5.94
C GLU B 216 -36.49 -22.92 5.77
N GLU B 217 -36.89 -24.16 5.52
CA GLU B 217 -35.94 -25.26 5.35
C GLU B 217 -35.00 -25.00 4.18
N LEU B 218 -35.55 -24.52 3.07
CA LEU B 218 -34.73 -24.22 1.90
C LEU B 218 -33.77 -23.06 2.21
N VAL B 219 -34.33 -21.97 2.71
CA VAL B 219 -33.53 -20.81 3.09
C VAL B 219 -32.41 -21.19 4.05
N ASP B 220 -32.76 -21.92 5.12
CA ASP B 220 -31.78 -22.42 6.08
C ASP B 220 -30.62 -23.16 5.41
N ARG B 221 -30.95 -24.14 4.58
CA ARG B 221 -29.92 -24.95 3.93
C ARG B 221 -29.06 -24.12 2.97
N ILE B 222 -29.66 -23.14 2.32
CA ILE B 222 -28.93 -22.32 1.37
C ILE B 222 -27.92 -21.45 2.11
N ILE B 223 -28.40 -20.76 3.15
CA ILE B 223 -27.55 -19.92 3.96
C ILE B 223 -26.38 -20.73 4.51
N HIS B 224 -26.66 -21.93 4.99
CA HIS B 224 -25.58 -22.74 5.54
C HIS B 224 -24.61 -23.21 4.45
N HIS B 225 -25.14 -23.79 3.39
CA HIS B 225 -24.33 -24.43 2.37
C HIS B 225 -23.47 -23.44 1.59
N THR B 226 -23.97 -22.21 1.43
CA THR B 226 -23.26 -21.21 0.63
C THR B 226 -22.48 -20.18 1.44
N SER B 227 -22.35 -20.41 2.74
CA SER B 227 -21.48 -19.58 3.56
C SER B 227 -20.04 -19.73 3.08
N PHE B 228 -19.23 -18.70 3.30
CA PHE B 228 -17.85 -18.70 2.81
C PHE B 228 -17.04 -19.90 3.32
N GLN B 229 -17.17 -20.23 4.59
CA GLN B 229 -16.32 -21.28 5.15
C GLN B 229 -16.71 -22.64 4.55
N GLU B 230 -18.01 -22.88 4.40
CA GLU B 230 -18.47 -24.12 3.77
C GLU B 230 -17.98 -24.20 2.32
N MET B 231 -18.22 -23.17 1.54
CA MET B 231 -17.85 -23.20 0.13
C MET B 231 -16.33 -23.31 -0.07
N LYS B 232 -15.57 -22.73 0.84
CA LYS B 232 -14.10 -22.80 0.79
C LYS B 232 -13.57 -24.21 1.06
N ASN B 233 -14.32 -24.99 1.83
CA ASN B 233 -13.89 -26.36 2.14
C ASN B 233 -14.63 -27.43 1.32
N ASN B 234 -15.50 -26.98 0.41
CA ASN B 234 -16.23 -27.86 -0.49
C ASN B 234 -15.51 -27.96 -1.82
N PRO B 235 -14.89 -29.12 -2.10
CA PRO B 235 -14.09 -29.31 -3.33
C PRO B 235 -14.90 -29.18 -4.63
N SER B 236 -16.23 -29.19 -4.51
CA SER B 236 -17.09 -28.97 -5.67
C SER B 236 -17.13 -27.49 -6.07
N THR B 237 -16.90 -26.60 -5.11
CA THR B 237 -17.06 -25.16 -5.33
C THR B 237 -15.78 -24.35 -5.17
N ASN B 238 -14.73 -24.95 -4.62
CA ASN B 238 -13.51 -24.20 -4.32
C ASN B 238 -12.41 -24.32 -5.38
N TYR B 239 -12.71 -25.02 -6.47
CA TYR B 239 -11.80 -25.14 -7.62
C TYR B 239 -10.51 -25.93 -7.32
N THR B 240 -10.44 -26.62 -6.18
CA THR B 240 -9.25 -27.37 -5.81
C THR B 240 -9.00 -28.61 -6.68
N THR B 241 -9.98 -29.02 -7.47
CA THR B 241 -9.81 -30.19 -8.33
C THR B 241 -9.02 -29.85 -9.59
N LEU B 242 -8.82 -28.55 -9.82
CA LEU B 242 -7.99 -28.11 -10.94
C LEU B 242 -6.52 -28.29 -10.59
N PRO B 243 -5.73 -28.79 -11.55
CA PRO B 243 -4.29 -28.95 -11.33
C PRO B 243 -3.64 -27.58 -11.19
N ASP B 244 -2.52 -27.52 -10.49
CA ASP B 244 -1.89 -26.24 -10.17
C ASP B 244 -1.35 -25.47 -11.38
N GLU B 245 -1.03 -26.16 -12.47
CA GLU B 245 -0.58 -25.46 -13.67
C GLU B 245 -1.73 -24.73 -14.35
N ILE B 246 -2.96 -24.97 -13.89
CA ILE B 246 -4.13 -24.24 -14.34
C ILE B 246 -4.52 -23.17 -13.32
N MET B 247 -4.65 -23.59 -12.06
CA MET B 247 -4.97 -22.66 -10.98
C MET B 247 -4.16 -22.98 -9.74
N ASN B 248 -3.14 -22.17 -9.48
CA ASN B 248 -2.22 -22.43 -8.38
C ASN B 248 -2.67 -21.77 -7.08
N GLN B 249 -3.49 -22.49 -6.31
CA GLN B 249 -4.05 -21.95 -5.08
C GLN B 249 -3.08 -21.95 -3.91
N LYS B 250 -1.88 -22.47 -4.15
CA LYS B 250 -0.81 -22.36 -3.17
C LYS B 250 -0.34 -20.91 -3.08
N LEU B 251 -0.41 -20.21 -4.21
CA LEU B 251 -0.06 -18.79 -4.26
C LEU B 251 -1.16 -17.91 -3.66
N SER B 252 -2.40 -18.33 -3.83
CA SER B 252 -3.57 -17.57 -3.42
C SER B 252 -4.76 -18.47 -3.67
N PRO B 253 -5.55 -18.77 -2.62
CA PRO B 253 -6.72 -19.64 -2.84
C PRO B 253 -7.82 -18.94 -3.63
N PHE B 254 -8.71 -19.72 -4.24
CA PHE B 254 -9.81 -19.12 -4.99
C PHE B 254 -10.77 -18.45 -4.02
N MET B 255 -11.16 -19.19 -3.00
CA MET B 255 -11.91 -18.62 -1.89
C MET B 255 -10.90 -17.91 -1.02
N ARG B 256 -10.67 -16.64 -1.32
CA ARG B 256 -9.53 -15.90 -0.76
C ARG B 256 -9.87 -15.28 0.58
N LYS B 257 -10.71 -14.25 0.59
CA LYS B 257 -11.13 -13.62 1.84
C LYS B 257 -12.65 -13.60 1.98
N GLY B 258 -13.33 -13.29 0.88
CA GLY B 258 -14.78 -13.29 0.89
C GLY B 258 -15.34 -12.19 1.75
N ILE B 259 -14.68 -11.03 1.75
CA ILE B 259 -15.18 -9.89 2.50
C ILE B 259 -15.43 -8.68 1.61
N THR B 260 -16.09 -7.68 2.18
CA THR B 260 -16.20 -6.39 1.54
C THR B 260 -15.21 -5.44 2.19
N GLY B 261 -14.48 -4.68 1.39
CA GLY B 261 -13.57 -3.71 1.94
C GLY B 261 -12.10 -4.13 2.00
N ASP B 262 -11.73 -5.22 1.33
CA ASP B 262 -10.32 -5.60 1.31
C ASP B 262 -9.49 -4.56 0.56
N TRP B 263 -10.16 -3.71 -0.23
CA TRP B 263 -9.46 -2.59 -0.87
C TRP B 263 -8.75 -1.72 0.15
N LYS B 264 -9.30 -1.64 1.35
CA LYS B 264 -8.68 -0.83 2.41
C LYS B 264 -7.28 -1.33 2.80
N ASN B 265 -7.00 -2.60 2.56
CA ASN B 265 -5.69 -3.17 2.85
C ASN B 265 -4.74 -3.16 1.67
N HIS B 266 -5.15 -2.55 0.56
CA HIS B 266 -4.35 -2.60 -0.65
C HIS B 266 -4.09 -1.25 -1.29
N PHE B 267 -5.11 -0.41 -1.38
CA PHE B 267 -4.96 0.91 -1.96
C PHE B 267 -4.20 1.83 -1.02
N THR B 268 -3.18 2.50 -1.54
CA THR B 268 -2.55 3.58 -0.79
C THR B 268 -3.50 4.77 -0.79
N GLU B 269 -3.27 5.72 0.11
CA GLU B 269 -4.07 6.93 0.15
C GLU B 269 -4.03 7.63 -1.21
N ALA B 270 -2.86 7.64 -1.83
CA ALA B 270 -2.69 8.29 -3.12
C ALA B 270 -3.47 7.55 -4.21
N LEU B 271 -3.33 6.24 -4.24
CA LEU B 271 -4.00 5.44 -5.26
C LEU B 271 -5.50 5.56 -5.06
N ASN B 272 -5.92 5.62 -3.82
CA ASN B 272 -7.33 5.76 -3.50
C ASN B 272 -7.90 7.08 -4.02
N GLU B 273 -7.12 8.15 -3.88
CA GLU B 273 -7.56 9.45 -4.36
C GLU B 273 -7.63 9.48 -5.89
N LYS B 274 -6.62 8.89 -6.52
CA LYS B 274 -6.58 8.79 -7.97
C LYS B 274 -7.77 7.98 -8.48
N PHE B 275 -8.00 6.81 -7.88
CA PHE B 275 -9.10 5.93 -8.26
C PHE B 275 -10.46 6.58 -8.07
N ASP B 276 -10.67 7.22 -6.92
CA ASP B 276 -11.96 7.80 -6.59
C ASP B 276 -12.33 8.91 -7.56
N LYS B 277 -11.31 9.66 -7.97
CA LYS B 277 -11.51 10.77 -8.88
C LYS B 277 -11.96 10.24 -10.23
N HIS B 278 -11.18 9.29 -10.76
CA HIS B 278 -11.50 8.60 -11.99
C HIS B 278 -12.89 7.95 -11.95
N TYR B 279 -13.19 7.29 -10.83
CA TYR B 279 -14.47 6.63 -10.64
C TYR B 279 -15.63 7.60 -10.80
N GLU B 280 -15.54 8.75 -10.16
CA GLU B 280 -16.62 9.73 -10.23
C GLU B 280 -16.84 10.21 -11.68
N GLN B 281 -15.76 10.36 -12.42
CA GLN B 281 -15.88 10.78 -13.81
C GLN B 281 -16.54 9.70 -14.68
N GLN B 282 -16.28 8.44 -14.35
CA GLN B 282 -16.88 7.33 -15.06
C GLN B 282 -18.34 7.12 -14.68
N MET B 283 -18.69 7.39 -13.43
CA MET B 283 -19.94 6.86 -12.89
C MET B 283 -21.02 7.88 -12.49
N LYS B 284 -20.67 9.15 -12.43
CA LYS B 284 -21.59 10.13 -11.86
C LYS B 284 -22.92 10.33 -12.60
N GLU B 285 -22.95 10.01 -13.89
CA GLU B 285 -24.19 10.14 -14.66
C GLU B 285 -25.08 8.89 -14.63
N SER B 286 -24.60 7.83 -13.98
CA SER B 286 -25.42 6.64 -13.83
C SER B 286 -26.18 6.68 -12.51
N THR B 287 -27.37 6.08 -12.47
CA THR B 287 -28.14 6.01 -11.24
C THR B 287 -27.71 4.81 -10.39
N LEU B 288 -26.81 3.99 -10.93
CA LEU B 288 -26.26 2.87 -10.16
C LEU B 288 -25.51 3.43 -8.95
N LYS B 289 -25.81 2.96 -7.76
CA LYS B 289 -25.14 3.45 -6.56
C LYS B 289 -24.69 2.29 -5.68
N PHE B 290 -23.47 2.40 -5.20
CA PHE B 290 -22.72 1.31 -4.62
C PHE B 290 -22.48 1.46 -3.13
N ARG B 291 -21.66 0.55 -2.61
N ARG B 291 -21.63 0.60 -2.60
CA ARG B 291 -21.13 0.54 -1.22
CA ARG B 291 -21.10 0.75 -1.24
C ARG B 291 -19.65 0.11 -1.24
C ARG B 291 -19.71 0.14 -1.15
N THR B 292 -18.74 0.97 -0.80
CA THR B 292 -17.34 0.51 -0.57
C THR B 292 -17.07 -0.02 0.85
#